data_7AEX
#
_entry.id   7AEX
#
_cell.length_a   69.658
_cell.length_b   81.676
_cell.length_c   54.251
_cell.angle_alpha   90.000
_cell.angle_beta   90.000
_cell.angle_gamma   90.000
#
_symmetry.space_group_name_H-M   'P 21 21 2'
#
loop_
_entity.id
_entity.type
_entity.pdbx_description
1 polymer 'mRNA endoribonuclease toxin LS'
2 water water
#
_entity_poly.entity_id   1
_entity_poly.type   'polypeptide(L)'
_entity_poly.pdbx_seq_one_letter_code
;MHHHHHHSEINPAEFEQVNMVLQGFVETSVLPVLELSADESHIEFREHSRNAHTVVWKIISTSYQDELTVSLHITTGKLQ
IQGRPLSCYRVFTFNLAALLDLQGLEKVLIRQEDGKANIVQQEVARTYLQTVMADAYPHLHVTAEKLLVSGLCVKLAAPD
LPDYCMLLYPELRTIEGVLKSKMSGLGMPVQQPAGFGTYFDKPAAHYILKPQFAATLRPEQINIISTAYTFFNVERHSLF
HMETVVDASRMISDMARLMGKATRAWGIIKDLYIV
;
_entity_poly.pdbx_strand_id   A
#
# COMPACT_ATOMS: atom_id res chain seq x y z
N GLU A 9 -0.18 20.88 16.96
CA GLU A 9 -0.46 20.90 15.54
C GLU A 9 -1.69 20.03 15.23
N ILE A 10 -2.26 20.22 14.04
CA ILE A 10 -3.46 19.52 13.63
C ILE A 10 -3.20 18.91 12.26
N ASN A 11 -3.67 17.69 12.06
CA ASN A 11 -3.52 17.03 10.77
C ASN A 11 -4.59 17.53 9.80
N PRO A 12 -4.21 17.97 8.60
CA PRO A 12 -5.17 18.61 7.69
C PRO A 12 -5.99 17.65 6.83
N ALA A 13 -5.77 16.34 6.94
CA ALA A 13 -6.42 15.39 6.05
C ALA A 13 -7.94 15.36 6.23
N GLU A 14 -8.44 15.60 7.43
CA GLU A 14 -9.88 15.48 7.59
C GLU A 14 -10.62 16.74 7.14
N PHE A 15 -9.91 17.84 6.89
CA PHE A 15 -10.53 19.02 6.31
C PHE A 15 -10.40 19.07 4.78
N GLU A 16 -9.71 18.11 4.17
CA GLU A 16 -9.39 18.11 2.76
C GLU A 16 -10.43 17.33 1.94
N GLN A 17 -10.67 17.79 0.71
CA GLN A 17 -11.55 17.11 -0.23
C GLN A 17 -10.72 16.53 -1.37
N VAL A 18 -11.02 15.30 -1.74
CA VAL A 18 -10.36 14.59 -2.84
C VAL A 18 -11.33 14.45 -4.01
N ASN A 19 -10.86 14.75 -5.21
CA ASN A 19 -11.67 14.53 -6.43
C ASN A 19 -10.67 14.42 -7.59
N MET A 20 -10.27 13.18 -7.89
CA MET A 20 -9.21 12.93 -8.84
C MET A 20 -9.67 11.88 -9.82
N VAL A 21 -8.97 11.82 -10.96
CA VAL A 21 -9.33 10.93 -12.05
C VAL A 21 -8.09 10.17 -12.48
N LEU A 22 -8.19 8.85 -12.55
CA LEU A 22 -7.06 8.02 -12.91
C LEU A 22 -7.34 7.34 -14.23
N GLN A 23 -6.31 7.22 -15.05
CA GLN A 23 -6.43 6.82 -16.45
C GLN A 23 -6.28 5.32 -16.63
N GLY A 24 -6.85 4.83 -17.73
CA GLY A 24 -6.64 3.48 -18.23
C GLY A 24 -7.15 2.33 -17.39
N PHE A 25 -8.44 2.35 -17.04
CA PHE A 25 -9.03 1.34 -16.19
C PHE A 25 -10.18 0.64 -16.91
N VAL A 26 -10.32 -0.65 -16.65
CA VAL A 26 -11.52 -1.40 -17.01
C VAL A 26 -12.10 -2.01 -15.74
N GLU A 27 -13.37 -2.37 -15.81
CA GLU A 27 -14.09 -2.83 -14.62
C GLU A 27 -13.47 -4.10 -14.04
N THR A 28 -13.00 -5.01 -14.89
CA THR A 28 -12.40 -6.25 -14.37
C THR A 28 -11.23 -5.95 -13.45
N SER A 29 -10.56 -4.81 -13.65
CA SER A 29 -9.42 -4.45 -12.82
C SER A 29 -9.87 -3.87 -11.50
N VAL A 30 -11.03 -3.22 -11.47
CA VAL A 30 -11.46 -2.48 -10.29
C VAL A 30 -12.14 -3.39 -9.27
N LEU A 31 -12.94 -4.36 -9.74
CA LEU A 31 -13.65 -5.25 -8.84
C LEU A 31 -12.75 -5.89 -7.78
N PRO A 32 -11.65 -6.57 -8.14
CA PRO A 32 -10.83 -7.19 -7.08
C PRO A 32 -10.27 -6.18 -6.09
N VAL A 33 -10.04 -4.94 -6.52
CA VAL A 33 -9.51 -3.92 -5.62
C VAL A 33 -10.55 -3.56 -4.57
N LEU A 34 -11.81 -3.44 -5.00
CA LEU A 34 -12.89 -3.22 -4.05
C LEU A 34 -13.05 -4.40 -3.11
N GLU A 35 -12.96 -5.62 -3.64
CA GLU A 35 -13.10 -6.80 -2.79
C GLU A 35 -11.97 -6.87 -1.77
N LEU A 36 -10.72 -6.64 -2.22
CA LEU A 36 -9.60 -6.58 -1.27
C LEU A 36 -9.85 -5.54 -0.19
N SER A 37 -10.36 -4.38 -0.58
CA SER A 37 -10.62 -3.30 0.36
C SER A 37 -11.63 -3.73 1.40
N ALA A 38 -12.66 -4.45 0.98
CA ALA A 38 -13.71 -4.88 1.88
C ALA A 38 -13.27 -6.01 2.80
N ASP A 39 -12.06 -6.57 2.61
CA ASP A 39 -11.55 -7.54 3.58
C ASP A 39 -11.18 -6.89 4.90
N GLU A 40 -11.00 -5.57 4.95
CA GLU A 40 -10.77 -4.91 6.23
C GLU A 40 -12.03 -4.93 7.06
N SER A 41 -11.88 -5.11 8.38
CA SER A 41 -13.05 -5.33 9.20
C SER A 41 -13.94 -4.11 9.32
N HIS A 42 -13.43 -2.91 8.99
CA HIS A 42 -14.22 -1.70 9.09
C HIS A 42 -14.60 -1.12 7.73
N ILE A 43 -14.46 -1.87 6.64
CA ILE A 43 -14.65 -1.37 5.28
C ILE A 43 -15.61 -2.27 4.53
N GLU A 44 -16.60 -1.68 3.87
CA GLU A 44 -17.47 -2.41 2.97
C GLU A 44 -17.72 -1.54 1.75
N PHE A 45 -18.18 -2.17 0.67
CA PHE A 45 -18.49 -1.43 -0.54
C PHE A 45 -19.76 -2.00 -1.15
N ARG A 46 -20.38 -1.19 -2.00
CA ARG A 46 -21.56 -1.63 -2.73
C ARG A 46 -21.56 -0.88 -4.05
N GLU A 47 -22.21 -1.48 -5.04
CA GLU A 47 -22.42 -0.77 -6.28
C GLU A 47 -23.64 0.12 -6.15
N HIS A 48 -23.51 1.40 -6.52
CA HIS A 48 -24.56 2.40 -6.37
C HIS A 48 -25.38 2.57 -7.64
N SER A 49 -24.73 2.60 -8.79
CA SER A 49 -25.49 2.75 -10.02
C SER A 49 -24.66 2.20 -11.19
N ARG A 50 -25.36 1.88 -12.26
CA ARG A 50 -24.71 1.38 -13.45
C ARG A 50 -25.59 1.66 -14.65
N ASN A 51 -25.00 2.24 -15.69
CA ASN A 51 -25.62 2.29 -17.00
C ASN A 51 -24.54 1.96 -18.02
N ALA A 52 -24.79 2.31 -19.30
CA ALA A 52 -23.87 1.93 -20.36
C ALA A 52 -22.54 2.66 -20.28
N HIS A 53 -22.53 3.85 -19.69
CA HIS A 53 -21.32 4.67 -19.69
C HIS A 53 -20.60 4.68 -18.36
N THR A 54 -21.29 4.53 -17.25
CA THR A 54 -20.70 4.77 -15.94
C THR A 54 -21.17 3.73 -14.94
N VAL A 55 -20.26 3.27 -14.09
CA VAL A 55 -20.63 2.44 -12.94
C VAL A 55 -20.04 3.12 -11.70
N VAL A 56 -20.87 3.27 -10.68
CA VAL A 56 -20.50 3.98 -9.46
C VAL A 56 -20.59 3.03 -8.28
N TRP A 57 -19.53 2.95 -7.50
CA TRP A 57 -19.49 2.21 -6.24
C TRP A 57 -19.30 3.17 -5.07
N LYS A 58 -19.75 2.74 -3.89
CA LYS A 58 -19.56 3.48 -2.66
C LYS A 58 -18.82 2.60 -1.66
N ILE A 59 -17.68 3.10 -1.17
CA ILE A 59 -16.93 2.46 -0.11
C ILE A 59 -17.23 3.20 1.19
N ILE A 60 -17.62 2.47 2.22
CA ILE A 60 -17.94 3.15 3.48
C ILE A 60 -17.21 2.47 4.61
N SER A 61 -16.98 3.24 5.66
CA SER A 61 -16.40 2.75 6.90
C SER A 61 -17.52 2.55 7.91
N THR A 62 -17.50 1.41 8.57
CA THR A 62 -18.49 1.09 9.59
C THR A 62 -18.09 1.61 10.96
N SER A 63 -16.88 2.15 11.10
CA SER A 63 -16.47 2.78 12.35
C SER A 63 -16.76 4.28 12.26
N TYR A 64 -15.75 5.06 11.87
CA TYR A 64 -15.96 6.50 11.70
C TYR A 64 -16.80 6.77 10.46
N GLN A 65 -17.59 7.85 10.52
CA GLN A 65 -18.42 8.27 9.39
C GLN A 65 -17.60 8.66 8.17
N ASP A 66 -17.64 7.88 7.09
CA ASP A 66 -16.78 8.16 5.97
C ASP A 66 -17.27 7.36 4.77
N GLU A 67 -17.33 8.01 3.61
CA GLU A 67 -17.81 7.39 2.38
C GLU A 67 -17.02 7.91 1.20
N LEU A 68 -16.49 6.98 0.40
CA LEU A 68 -15.70 7.28 -0.79
C LEU A 68 -16.49 6.83 -2.03
N THR A 69 -16.62 7.72 -3.00
CA THR A 69 -17.37 7.44 -4.22
C THR A 69 -16.36 7.17 -5.32
N VAL A 70 -16.48 6.01 -5.95
CA VAL A 70 -15.57 5.57 -7.00
C VAL A 70 -16.37 5.37 -8.27
N SER A 71 -16.01 6.09 -9.33
CA SER A 71 -16.82 6.10 -10.54
C SER A 71 -15.96 5.64 -11.71
N LEU A 72 -16.34 4.57 -12.38
CA LEU A 72 -15.62 4.15 -13.59
C LEU A 72 -16.37 4.70 -14.81
N HIS A 73 -15.72 5.61 -15.53
CA HIS A 73 -16.23 6.09 -16.81
C HIS A 73 -15.76 5.12 -17.88
N ILE A 74 -16.67 4.24 -18.26
CA ILE A 74 -16.33 3.06 -19.05
C ILE A 74 -15.77 3.46 -20.41
N THR A 75 -16.39 4.44 -21.06
CA THR A 75 -16.02 4.78 -22.43
C THR A 75 -14.60 5.33 -22.49
N THR A 76 -14.20 6.12 -21.49
CA THR A 76 -12.92 6.80 -21.47
C THR A 76 -11.85 6.06 -20.69
N GLY A 77 -12.22 5.03 -19.94
CA GLY A 77 -11.29 4.33 -19.06
C GLY A 77 -10.92 5.07 -17.80
N LYS A 78 -11.56 6.20 -17.52
CA LYS A 78 -11.17 7.03 -16.38
C LYS A 78 -11.88 6.55 -15.11
N LEU A 79 -11.10 6.40 -14.05
CA LEU A 79 -11.57 6.00 -12.73
C LEU A 79 -11.49 7.21 -11.81
N GLN A 80 -12.65 7.69 -11.35
CA GLN A 80 -12.72 8.87 -10.51
C GLN A 80 -12.89 8.45 -9.04
N ILE A 81 -12.19 9.18 -8.14
CA ILE A 81 -12.25 8.93 -6.70
C ILE A 81 -12.63 10.25 -6.03
N GLN A 82 -13.70 10.22 -5.23
CA GLN A 82 -14.24 11.44 -4.66
C GLN A 82 -14.58 11.21 -3.19
N GLY A 83 -14.13 12.11 -2.33
CA GLY A 83 -14.46 12.07 -0.92
C GLY A 83 -13.43 12.78 -0.08
N ARG A 84 -13.13 12.22 1.09
CA ARG A 84 -12.10 12.71 1.97
C ARG A 84 -10.98 11.70 1.98
N PRO A 85 -9.76 12.13 2.21
CA PRO A 85 -8.64 11.17 2.20
C PRO A 85 -8.48 10.54 3.57
N LEU A 86 -9.50 9.80 4.00
CA LEU A 86 -9.47 9.15 5.29
C LEU A 86 -9.41 7.64 5.08
N SER A 87 -10.15 6.87 5.87
CA SER A 87 -9.85 5.46 5.96
C SER A 87 -10.21 4.73 4.66
N CYS A 88 -11.42 4.97 4.12
CA CYS A 88 -11.78 4.35 2.83
C CYS A 88 -10.81 4.71 1.73
N TYR A 89 -10.39 5.98 1.66
CA TYR A 89 -9.38 6.40 0.69
C TYR A 89 -8.07 5.62 0.88
N ARG A 90 -7.57 5.60 2.12
CA ARG A 90 -6.31 4.90 2.39
C ARG A 90 -6.38 3.42 2.02
N VAL A 91 -7.51 2.77 2.34
CA VAL A 91 -7.60 1.34 2.04
C VAL A 91 -7.71 1.12 0.53
N PHE A 92 -8.54 1.90 -0.14
CA PHE A 92 -8.76 1.64 -1.56
C PHE A 92 -7.52 1.93 -2.37
N THR A 93 -6.83 3.04 -2.06
CA THR A 93 -5.66 3.37 -2.85
C THR A 93 -4.51 2.41 -2.56
N PHE A 94 -4.43 1.85 -1.34
CA PHE A 94 -3.39 0.86 -1.06
C PHE A 94 -3.52 -0.34 -2.00
N ASN A 95 -4.72 -0.89 -2.08
CA ASN A 95 -4.95 -2.04 -2.94
C ASN A 95 -4.95 -1.68 -4.41
N LEU A 96 -5.16 -0.41 -4.74
CA LEU A 96 -5.12 0.03 -6.12
C LEU A 96 -3.69 0.22 -6.61
N ALA A 97 -2.75 0.46 -5.68
CA ALA A 97 -1.47 1.08 -6.01
C ALA A 97 -0.68 0.32 -7.06
N ALA A 98 -0.62 -1.01 -6.94
CA ALA A 98 0.21 -1.79 -7.85
C ALA A 98 -0.32 -1.76 -9.28
N LEU A 99 -1.55 -1.31 -9.50
CA LEU A 99 -2.17 -1.27 -10.82
C LEU A 99 -1.89 0.03 -11.55
N LEU A 100 -1.41 1.05 -10.85
CA LEU A 100 -1.33 2.39 -11.39
C LEU A 100 -0.05 2.64 -12.17
N ASP A 101 -0.17 3.47 -13.22
CA ASP A 101 0.98 4.00 -13.90
C ASP A 101 1.60 5.09 -13.02
N LEU A 102 2.71 5.66 -13.46
CA LEU A 102 3.42 6.64 -12.63
C LEU A 102 2.52 7.82 -12.28
N GLN A 103 1.80 8.36 -13.27
CA GLN A 103 0.94 9.52 -13.04
C GLN A 103 -0.12 9.23 -11.99
N GLY A 104 -0.82 8.09 -12.15
CA GLY A 104 -1.83 7.69 -11.19
C GLY A 104 -1.28 7.45 -9.80
N LEU A 105 -0.14 6.76 -9.69
CA LEU A 105 0.44 6.49 -8.38
C LEU A 105 0.77 7.78 -7.65
N GLU A 106 1.38 8.72 -8.36
CA GLU A 106 1.71 10.00 -7.77
C GLU A 106 0.46 10.73 -7.27
N LYS A 107 -0.58 10.83 -8.11
CA LYS A 107 -1.84 11.45 -7.71
C LYS A 107 -2.38 10.86 -6.40
N VAL A 108 -2.44 9.52 -6.30
CA VAL A 108 -3.05 8.97 -5.08
C VAL A 108 -2.11 9.16 -3.89
N LEU A 109 -0.80 9.17 -4.11
CA LEU A 109 0.10 9.26 -2.96
C LEU A 109 0.35 10.69 -2.48
N ILE A 110 0.36 11.71 -3.36
CA ILE A 110 0.56 13.09 -2.89
C ILE A 110 -0.72 13.91 -2.89
N ARG A 111 -1.78 13.45 -3.55
CA ARG A 111 -3.11 14.07 -3.51
C ARG A 111 -3.12 15.48 -4.10
N GLN A 112 -2.24 15.70 -5.08
CA GLN A 112 -2.21 16.95 -5.81
C GLN A 112 -2.20 16.67 -7.30
N GLU A 113 -2.61 17.67 -8.06
CA GLU A 113 -2.43 17.68 -9.50
C GLU A 113 -1.04 18.23 -9.84
N ASP A 114 -0.62 18.01 -11.09
CA ASP A 114 0.58 18.64 -11.64
C ASP A 114 1.86 18.24 -10.90
N GLY A 115 1.90 17.02 -10.38
CA GLY A 115 3.11 16.47 -9.79
C GLY A 115 4.22 16.36 -10.83
N LYS A 116 5.45 16.18 -10.35
CA LYS A 116 6.60 16.22 -11.23
C LYS A 116 7.35 14.89 -11.29
N ALA A 117 6.78 13.82 -10.73
CA ALA A 117 7.45 12.53 -10.83
C ALA A 117 7.78 12.15 -12.27
N ASN A 118 7.05 12.70 -13.24
CA ASN A 118 7.30 12.36 -14.64
C ASN A 118 8.55 13.01 -15.20
N ILE A 119 9.20 13.92 -14.47
CA ILE A 119 10.45 14.48 -14.97
C ILE A 119 11.66 13.70 -14.46
N VAL A 120 11.48 12.77 -13.51
CA VAL A 120 12.61 12.04 -12.97
C VAL A 120 13.13 11.05 -14.01
N GLN A 121 14.44 11.05 -14.21
CA GLN A 121 15.08 10.09 -15.09
C GLN A 121 14.92 8.69 -14.49
N GLN A 122 14.12 7.86 -15.16
CA GLN A 122 13.79 6.55 -14.60
C GLN A 122 15.03 5.69 -14.43
N GLU A 123 15.98 5.77 -15.36
CA GLU A 123 17.14 4.89 -15.25
C GLU A 123 17.99 5.23 -14.03
N VAL A 124 17.99 6.49 -13.60
CA VAL A 124 18.70 6.86 -12.38
C VAL A 124 17.96 6.36 -11.15
N ALA A 125 16.62 6.46 -11.14
CA ALA A 125 15.84 5.90 -10.04
C ALA A 125 16.01 4.39 -9.96
N ARG A 126 16.11 3.71 -11.10
CA ARG A 126 16.36 2.27 -11.09
C ARG A 126 17.72 1.93 -10.46
N THR A 127 18.77 2.66 -10.83
CA THR A 127 20.08 2.35 -10.26
C THR A 127 20.09 2.57 -8.75
N TYR A 128 19.28 3.52 -8.26
CA TYR A 128 19.06 3.64 -6.82
C TYR A 128 18.49 2.34 -6.25
N LEU A 129 17.40 1.86 -6.85
CA LEU A 129 16.79 0.63 -6.36
C LEU A 129 17.72 -0.57 -6.48
N GLN A 130 18.45 -0.65 -7.60
CA GLN A 130 19.42 -1.73 -7.77
C GLN A 130 20.43 -1.74 -6.62
N THR A 131 20.89 -0.56 -6.20
CA THR A 131 21.90 -0.51 -5.15
C THR A 131 21.35 -0.97 -3.81
N VAL A 132 20.11 -0.56 -3.47
CA VAL A 132 19.58 -0.92 -2.16
C VAL A 132 19.19 -2.39 -2.10
N MET A 133 18.65 -2.95 -3.19
CA MET A 133 18.21 -4.34 -3.18
C MET A 133 19.35 -5.32 -3.30
N ALA A 134 20.47 -4.91 -3.91
CA ALA A 134 21.70 -5.72 -4.02
C ALA A 134 21.34 -7.07 -4.62
N ASP A 135 21.65 -8.20 -3.96
N ASP A 135 21.65 -8.20 -3.96
CA ASP A 135 21.42 -9.51 -4.56
CA ASP A 135 21.41 -9.50 -4.57
C ASP A 135 19.95 -9.90 -4.61
C ASP A 135 19.93 -9.79 -4.77
N ALA A 136 19.06 -9.08 -4.07
CA ALA A 136 17.63 -9.36 -4.22
C ALA A 136 17.07 -8.81 -5.52
N TYR A 137 17.75 -7.83 -6.15
CA TYR A 137 17.13 -7.12 -7.27
C TYR A 137 16.69 -8.05 -8.40
N PRO A 138 17.46 -9.07 -8.81
CA PRO A 138 16.96 -9.94 -9.89
C PRO A 138 15.78 -10.81 -9.46
N HIS A 139 15.54 -10.96 -8.16
CA HIS A 139 14.43 -11.79 -7.69
C HIS A 139 13.11 -11.05 -7.68
N LEU A 140 13.11 -9.73 -7.90
CA LEU A 140 11.91 -8.95 -7.73
C LEU A 140 10.87 -9.35 -8.76
N HIS A 141 9.63 -9.50 -8.32
CA HIS A 141 8.54 -9.71 -9.27
C HIS A 141 8.42 -8.49 -10.17
N VAL A 142 7.90 -8.69 -11.39
CA VAL A 142 7.72 -7.59 -12.33
C VAL A 142 6.91 -6.46 -11.69
N THR A 143 5.78 -6.80 -11.08
CA THR A 143 4.91 -5.80 -10.47
C THR A 143 5.63 -5.04 -9.37
N ALA A 144 6.44 -5.76 -8.56
CA ALA A 144 7.16 -5.12 -7.46
C ALA A 144 8.20 -4.14 -7.98
N GLU A 145 8.97 -4.57 -8.98
CA GLU A 145 10.01 -3.71 -9.52
C GLU A 145 9.41 -2.40 -10.03
N LYS A 146 8.33 -2.50 -10.80
CA LYS A 146 7.68 -1.31 -11.35
C LYS A 146 7.12 -0.42 -10.25
N LEU A 147 6.48 -1.01 -9.24
CA LEU A 147 5.91 -0.21 -8.15
C LEU A 147 7.01 0.49 -7.36
N LEU A 148 8.11 -0.22 -7.05
CA LEU A 148 9.19 0.38 -6.28
C LEU A 148 9.89 1.50 -7.06
N VAL A 149 10.08 1.31 -8.37
CA VAL A 149 10.74 2.33 -9.16
C VAL A 149 9.83 3.55 -9.29
N SER A 150 8.57 3.33 -9.63
CA SER A 150 7.60 4.42 -9.68
C SER A 150 7.48 5.11 -8.33
N GLY A 151 7.44 4.33 -7.25
CA GLY A 151 7.39 4.90 -5.91
C GLY A 151 8.61 5.73 -5.57
N LEU A 152 9.79 5.30 -6.04
CA LEU A 152 10.99 6.11 -5.88
C LEU A 152 10.87 7.42 -6.64
N CYS A 153 10.32 7.38 -7.85
CA CYS A 153 10.17 8.63 -8.58
C CYS A 153 9.23 9.57 -7.83
N VAL A 154 8.21 9.02 -7.19
CA VAL A 154 7.27 9.85 -6.44
C VAL A 154 7.96 10.47 -5.23
N LYS A 155 8.76 9.68 -4.50
CA LYS A 155 9.48 10.22 -3.35
C LYS A 155 10.45 11.30 -3.80
N LEU A 156 11.17 11.03 -4.88
CA LEU A 156 12.20 11.94 -5.37
C LEU A 156 11.62 13.30 -5.77
N ALA A 157 10.38 13.31 -6.26
CA ALA A 157 9.80 14.56 -6.74
C ALA A 157 8.67 15.05 -5.85
N ALA A 158 8.50 14.47 -4.67
CA ALA A 158 7.40 14.84 -3.80
C ALA A 158 7.46 16.35 -3.53
N PRO A 159 6.34 17.06 -3.55
CA PRO A 159 6.35 18.46 -3.12
C PRO A 159 6.43 18.51 -1.60
N ASP A 160 6.45 19.73 -1.09
CA ASP A 160 6.44 19.97 0.36
C ASP A 160 5.09 19.57 0.95
N LEU A 161 5.08 18.52 1.76
CA LEU A 161 3.81 18.09 2.33
C LEU A 161 3.87 18.10 3.85
N PRO A 162 2.74 18.29 4.54
CA PRO A 162 2.78 18.21 6.00
C PRO A 162 2.98 16.79 6.52
N ASP A 163 2.69 15.77 5.72
CA ASP A 163 2.70 14.37 6.18
C ASP A 163 3.07 13.48 5.00
N TYR A 164 4.21 12.80 5.10
CA TYR A 164 4.68 11.94 4.02
C TYR A 164 4.31 10.47 4.22
N CYS A 165 3.45 10.16 5.19
CA CYS A 165 3.26 8.75 5.55
C CYS A 165 2.82 7.90 4.34
N MET A 166 2.02 8.48 3.44
CA MET A 166 1.51 7.70 2.32
C MET A 166 2.61 7.25 1.35
N LEU A 167 3.77 7.91 1.36
CA LEU A 167 4.83 7.54 0.43
C LEU A 167 5.45 6.18 0.73
N LEU A 168 5.09 5.54 1.84
CA LEU A 168 5.55 4.17 2.12
C LEU A 168 4.68 3.12 1.46
N TYR A 169 3.62 3.50 0.77
CA TYR A 169 2.76 2.51 0.12
C TYR A 169 3.51 1.56 -0.82
N PRO A 170 4.38 2.02 -1.74
CA PRO A 170 5.07 1.07 -2.63
C PRO A 170 5.84 -0.03 -1.89
N GLU A 171 6.48 0.32 -0.78
CA GLU A 171 7.25 -0.64 0.02
C GLU A 171 6.33 -1.62 0.74
N LEU A 172 5.24 -1.12 1.31
CA LEU A 172 4.35 -1.98 2.08
C LEU A 172 3.56 -2.93 1.19
N ARG A 173 3.08 -2.44 0.04
CA ARG A 173 2.45 -3.34 -0.90
C ARG A 173 3.45 -4.38 -1.40
N THR A 174 4.71 -3.98 -1.60
CA THR A 174 5.71 -4.94 -2.05
C THR A 174 6.01 -5.98 -0.98
N ILE A 175 6.16 -5.55 0.27
CA ILE A 175 6.32 -6.52 1.36
C ILE A 175 5.16 -7.49 1.35
N GLU A 176 3.94 -6.98 1.14
CA GLU A 176 2.75 -7.85 1.19
C GLU A 176 2.83 -8.95 0.15
N GLY A 177 3.21 -8.61 -1.09
CA GLY A 177 3.27 -9.60 -2.15
C GLY A 177 4.35 -10.66 -1.91
N VAL A 178 5.54 -10.22 -1.50
CA VAL A 178 6.64 -11.17 -1.26
C VAL A 178 6.35 -12.01 -0.02
N LEU A 179 5.84 -11.40 1.04
CA LEU A 179 5.47 -12.19 2.22
C LEU A 179 4.45 -13.24 1.84
N LYS A 180 3.44 -12.85 1.06
CA LYS A 180 2.42 -13.81 0.67
C LYS A 180 3.00 -14.96 -0.13
N SER A 181 3.84 -14.67 -1.13
CA SER A 181 4.35 -15.79 -1.92
C SER A 181 5.33 -16.62 -1.11
N LYS A 182 6.11 -16.00 -0.24
CA LYS A 182 7.10 -16.77 0.53
C LYS A 182 6.40 -17.73 1.48
N MET A 183 5.43 -17.24 2.27
CA MET A 183 4.68 -18.13 3.16
C MET A 183 3.94 -19.20 2.37
N SER A 184 3.37 -18.83 1.23
CA SER A 184 2.64 -19.82 0.45
C SER A 184 3.57 -20.95 0.00
N GLY A 185 4.78 -20.61 -0.47
CA GLY A 185 5.70 -21.65 -0.90
C GLY A 185 6.21 -22.52 0.23
N LEU A 186 6.04 -22.07 1.48
CA LEU A 186 6.44 -22.78 2.67
C LEU A 186 5.27 -23.46 3.37
N GLY A 187 4.18 -23.73 2.64
CA GLY A 187 3.07 -24.44 3.22
C GLY A 187 2.11 -23.61 4.03
N MET A 188 2.17 -22.28 3.90
CA MET A 188 1.33 -21.37 4.67
C MET A 188 0.59 -20.42 3.73
N PRO A 189 -0.39 -20.94 2.98
CA PRO A 189 -1.19 -20.08 2.11
C PRO A 189 -1.92 -18.99 2.89
N VAL A 190 -1.92 -17.79 2.33
CA VAL A 190 -2.65 -16.64 2.89
C VAL A 190 -3.87 -16.38 2.00
N GLN A 191 -5.08 -16.70 2.48
CA GLN A 191 -6.28 -16.48 1.68
C GLN A 191 -7.38 -15.83 2.52
N GLN A 192 -8.44 -15.39 1.82
CA GLN A 192 -9.30 -14.28 2.22
C GLN A 192 -9.74 -14.26 3.69
N PRO A 193 -10.33 -15.32 4.26
CA PRO A 193 -10.66 -15.30 5.68
C PRO A 193 -9.43 -15.61 6.53
N ALA A 194 -9.39 -15.02 7.73
CA ALA A 194 -8.26 -15.12 8.66
C ALA A 194 -7.01 -14.43 8.10
N GLY A 195 -6.63 -14.73 6.87
CA GLY A 195 -5.51 -14.04 6.25
C GLY A 195 -4.19 -14.44 6.90
N PHE A 196 -3.28 -13.47 7.01
CA PHE A 196 -2.02 -13.71 7.69
C PHE A 196 -2.22 -14.19 9.11
N GLY A 197 -3.25 -13.69 9.80
CA GLY A 197 -3.33 -13.83 11.25
C GLY A 197 -3.42 -15.25 11.75
N THR A 198 -3.96 -16.17 10.96
CA THR A 198 -4.02 -17.56 11.39
C THR A 198 -2.65 -18.18 11.61
N TYR A 199 -1.57 -17.51 11.22
CA TYR A 199 -0.24 -18.06 11.35
C TYR A 199 0.57 -17.45 12.49
N PHE A 200 0.08 -16.39 13.14
CA PHE A 200 0.89 -15.60 14.07
C PHE A 200 0.23 -15.46 15.43
N ASP A 201 1.05 -15.47 16.47
CA ASP A 201 0.71 -14.99 17.80
C ASP A 201 1.26 -13.58 17.95
N LYS A 202 0.78 -12.89 18.98
CA LYS A 202 1.19 -11.52 19.26
C LYS A 202 1.34 -11.35 20.76
N PRO A 203 2.46 -11.82 21.32
CA PRO A 203 2.84 -11.40 22.67
C PRO A 203 3.68 -10.13 22.55
N ALA A 204 3.46 -9.22 23.50
CA ALA A 204 4.08 -7.88 23.48
C ALA A 204 3.74 -7.21 22.14
N ALA A 205 4.67 -6.45 21.56
CA ALA A 205 4.39 -5.62 20.39
C ALA A 205 4.71 -6.30 19.06
N HIS A 206 5.21 -7.53 19.08
CA HIS A 206 5.73 -8.19 17.89
C HIS A 206 4.92 -9.46 17.59
N TYR A 207 4.71 -9.71 16.29
CA TYR A 207 4.09 -10.95 15.83
C TYR A 207 5.16 -12.01 15.60
N ILE A 208 4.93 -13.21 16.12
CA ILE A 208 5.81 -14.35 15.88
C ILE A 208 4.97 -15.51 15.37
N LEU A 209 5.55 -16.29 14.45
CA LEU A 209 4.85 -17.45 13.93
C LEU A 209 4.41 -18.38 15.05
N LYS A 210 3.20 -18.93 14.92
CA LYS A 210 2.73 -19.91 15.88
C LYS A 210 3.67 -21.12 15.92
N PRO A 211 3.74 -21.83 17.06
CA PRO A 211 4.71 -22.91 17.20
C PRO A 211 4.59 -24.01 16.16
N GLN A 212 3.35 -24.40 15.80
CA GLN A 212 3.17 -25.49 14.84
C GLN A 212 3.71 -25.14 13.46
N PHE A 213 3.71 -23.86 13.09
CA PHE A 213 4.24 -23.46 11.79
C PHE A 213 5.74 -23.20 11.85
N ALA A 214 6.20 -22.58 12.94
CA ALA A 214 7.63 -22.41 13.16
C ALA A 214 8.37 -23.75 13.13
N ALA A 215 7.74 -24.80 13.67
CA ALA A 215 8.41 -26.09 13.82
C ALA A 215 8.83 -26.69 12.49
N THR A 216 8.27 -26.22 11.37
CA THR A 216 8.62 -26.74 10.06
C THR A 216 9.78 -25.99 9.39
N LEU A 217 10.27 -24.89 9.99
CA LEU A 217 11.16 -23.95 9.32
C LEU A 217 12.53 -23.90 9.99
N ARG A 218 13.50 -23.31 9.28
CA ARG A 218 14.79 -22.99 9.86
C ARG A 218 14.72 -21.65 10.59
N PRO A 219 15.64 -21.40 11.53
CA PRO A 219 15.50 -20.20 12.38
C PRO A 219 15.50 -18.88 11.62
N GLU A 220 16.27 -18.78 10.53
CA GLU A 220 16.28 -17.53 9.76
C GLU A 220 14.96 -17.34 9.02
N GLN A 221 14.36 -18.41 8.51
CA GLN A 221 13.03 -18.29 7.93
C GLN A 221 12.04 -17.81 8.98
N ILE A 222 12.07 -18.39 10.17
CA ILE A 222 11.16 -17.96 11.23
C ILE A 222 11.33 -16.47 11.51
N ASN A 223 12.59 -16.01 11.58
CA ASN A 223 12.82 -14.64 12.02
C ASN A 223 12.39 -13.65 10.96
N ILE A 224 12.72 -13.91 9.69
CA ILE A 224 12.39 -12.92 8.67
C ILE A 224 10.88 -12.86 8.45
N ILE A 225 10.19 -13.99 8.54
CA ILE A 225 8.74 -13.97 8.35
C ILE A 225 8.06 -13.19 9.48
N SER A 226 8.55 -13.38 10.71
CA SER A 226 7.95 -12.71 11.85
C SER A 226 8.25 -11.21 11.83
N THR A 227 9.49 -10.83 11.51
CA THR A 227 9.84 -9.41 11.49
C THR A 227 9.20 -8.70 10.31
N ALA A 228 9.06 -9.40 9.16
CA ALA A 228 8.38 -8.79 8.02
C ALA A 228 6.92 -8.56 8.33
N TYR A 229 6.24 -9.58 8.85
CA TYR A 229 4.81 -9.41 9.10
C TYR A 229 4.57 -8.35 10.17
N THR A 230 5.42 -8.31 11.21
CA THR A 230 5.26 -7.29 12.24
C THR A 230 5.33 -5.89 11.63
N PHE A 231 6.37 -5.63 10.83
CA PHE A 231 6.54 -4.32 10.21
C PHE A 231 5.35 -3.98 9.31
N PHE A 232 5.01 -4.90 8.39
CA PHE A 232 3.85 -4.72 7.52
C PHE A 232 2.59 -4.43 8.35
N ASN A 233 2.33 -5.26 9.36
CA ASN A 233 1.07 -5.12 10.09
C ASN A 233 1.01 -3.78 10.82
N VAL A 234 2.06 -3.45 11.58
CA VAL A 234 2.04 -2.22 12.38
C VAL A 234 1.98 -0.99 11.49
N GLU A 235 2.75 -0.98 10.42
CA GLU A 235 2.81 0.21 9.59
C GLU A 235 1.52 0.40 8.83
N ARG A 236 0.96 -0.69 8.31
CA ARG A 236 -0.28 -0.59 7.56
C ARG A 236 -1.45 -0.29 8.48
N HIS A 237 -1.46 -0.88 9.69
CA HIS A 237 -2.52 -0.55 10.64
C HIS A 237 -2.53 0.93 10.97
N SER A 238 -1.35 1.51 11.17
CA SER A 238 -1.30 2.92 11.50
C SER A 238 -1.85 3.78 10.35
N LEU A 239 -1.59 3.39 9.10
CA LEU A 239 -2.10 4.14 7.96
C LEU A 239 -3.59 3.95 7.80
N PHE A 240 -4.05 2.69 7.88
CA PHE A 240 -5.47 2.42 7.67
C PHE A 240 -6.34 3.01 8.78
N HIS A 241 -5.82 3.10 10.01
CA HIS A 241 -6.58 3.64 11.12
C HIS A 241 -6.21 5.08 11.46
N MET A 242 -5.65 5.82 10.51
CA MET A 242 -5.49 7.27 10.63
C MET A 242 -4.79 7.65 11.94
N GLU A 243 -3.82 6.82 12.36
CA GLU A 243 -3.16 7.09 13.64
C GLU A 243 -2.51 8.46 13.68
N THR A 244 -2.07 8.99 12.54
CA THR A 244 -1.43 10.31 12.56
C THR A 244 -2.44 11.45 12.44
N VAL A 245 -3.72 11.15 12.18
CA VAL A 245 -4.77 12.14 12.39
C VAL A 245 -5.15 12.20 13.86
N VAL A 246 -5.32 11.03 14.49
CA VAL A 246 -5.68 10.99 15.90
C VAL A 246 -4.57 11.58 16.76
N ASP A 247 -3.32 11.32 16.37
CA ASP A 247 -2.14 11.79 17.10
C ASP A 247 -1.26 12.53 16.10
N ALA A 248 -1.52 13.83 15.93
CA ALA A 248 -0.79 14.58 14.91
C ALA A 248 0.70 14.68 15.19
N SER A 249 1.15 14.54 16.45
CA SER A 249 2.59 14.54 16.69
C SER A 249 3.30 13.41 15.95
N ARG A 250 2.57 12.40 15.48
CA ARG A 250 3.21 11.30 14.76
C ARG A 250 3.23 11.50 13.26
N MET A 251 2.72 12.63 12.75
CA MET A 251 2.84 12.90 11.33
C MET A 251 4.30 12.81 10.90
N ILE A 252 4.53 12.19 9.74
CA ILE A 252 5.88 12.11 9.22
C ILE A 252 6.09 13.39 8.42
N SER A 253 6.50 14.44 9.10
CA SER A 253 6.71 15.72 8.45
C SER A 253 8.11 15.85 7.87
N ASP A 254 9.00 14.92 8.19
CA ASP A 254 10.40 14.97 7.75
C ASP A 254 10.62 13.87 6.72
N MET A 255 11.07 14.25 5.53
CA MET A 255 11.29 13.25 4.47
C MET A 255 12.43 12.31 4.82
N ALA A 256 13.39 12.77 5.60
CA ALA A 256 14.45 11.89 6.07
C ALA A 256 13.89 10.77 6.95
N ARG A 257 12.87 11.08 7.76
CA ARG A 257 12.23 10.05 8.57
C ARG A 257 11.43 9.08 7.71
N LEU A 258 10.73 9.58 6.71
CA LEU A 258 10.05 8.68 5.78
C LEU A 258 11.05 7.73 5.13
N MET A 259 12.19 8.26 4.66
CA MET A 259 13.18 7.42 4.02
C MET A 259 13.78 6.42 4.99
N GLY A 260 13.83 6.79 6.28
CA GLY A 260 14.26 5.83 7.28
C GLY A 260 13.36 4.61 7.31
N LYS A 261 12.04 4.84 7.25
CA LYS A 261 11.12 3.72 7.15
C LYS A 261 11.25 3.00 5.81
N ALA A 262 11.47 3.73 4.73
CA ALA A 262 11.62 3.07 3.43
C ALA A 262 12.86 2.19 3.37
N THR A 263 13.99 2.67 3.89
CA THR A 263 15.19 1.84 3.89
C THR A 263 15.00 0.60 4.75
N ARG A 264 14.32 0.74 5.90
CA ARG A 264 14.01 -0.46 6.69
C ARG A 264 13.18 -1.43 5.87
N ALA A 265 12.19 -0.91 5.15
CA ALA A 265 11.34 -1.76 4.34
C ALA A 265 12.15 -2.46 3.25
N TRP A 266 13.05 -1.73 2.60
CA TRP A 266 13.90 -2.33 1.58
C TRP A 266 14.73 -3.47 2.16
N GLY A 267 15.23 -3.31 3.39
CA GLY A 267 16.00 -4.39 4.01
C GLY A 267 15.16 -5.63 4.28
N ILE A 268 13.90 -5.43 4.65
CA ILE A 268 13.00 -6.56 4.86
C ILE A 268 12.71 -7.25 3.54
N ILE A 269 12.42 -6.47 2.50
CA ILE A 269 12.17 -7.05 1.18
C ILE A 269 13.36 -7.89 0.74
N LYS A 270 14.55 -7.29 0.83
CA LYS A 270 15.79 -8.01 0.50
C LYS A 270 15.85 -9.34 1.24
N ASP A 271 15.68 -9.30 2.55
CA ASP A 271 15.80 -10.54 3.32
C ASP A 271 14.71 -11.55 2.93
N LEU A 272 13.50 -11.07 2.65
CA LEU A 272 12.44 -11.99 2.23
C LEU A 272 12.82 -12.77 0.98
N TYR A 273 13.61 -12.19 0.08
CA TYR A 273 14.00 -12.87 -1.15
C TYR A 273 15.25 -13.74 -0.98
N ILE A 274 16.19 -13.36 -0.12
CA ILE A 274 17.41 -14.14 0.06
C ILE A 274 17.32 -14.91 1.38
N VAL A 275 16.52 -15.97 1.40
CA VAL A 275 16.42 -16.90 2.53
C VAL A 275 16.01 -18.29 2.06
#